data_7L1X
#
_entry.id   7L1X
#
_cell.length_a   58.348
_cell.length_b   45.981
_cell.length_c   63.683
_cell.angle_alpha   90.000
_cell.angle_beta   111.840
_cell.angle_gamma   90.000
#
_symmetry.space_group_name_H-M   'P 1 21 1'
#
loop_
_entity.id
_entity.type
_entity.pdbx_description
1 polymer 'Casein kinase II subunit alpha'
2 non-polymer 'SULFATE ION'
3 non-polymer GLYCEROL
4 non-polymer (2~{Z})-6-[[2,6-bis(chloranyl)phenyl]methylsulfonyl]-2-[[4-oxidanyl-3-[oxidanyl(oxidanylidene)-$l^{4}-azanyl]phenyl]methylidene]-4~{H}-1,4-benzothiazin-3-one
5 water water
#
_entity_poly.entity_id   1
_entity_poly.type   'polypeptide(L)'
_entity_poly.pdbx_seq_one_letter_code
;SGPVPSRARVYTDVNTHRPREYWDYESHVVEWGNQDDYQLVRKLGRGKYSEVFEAINITNNEKVVVKILKPVKKKKIKRE
IKILENLRGGPNIITLADIVKDPVSRTPALVFEHVNNTDFKQLYQTLTDYDIRFYMYEILKALDYCHSMGIMHRDVKPHN
VMIDHEHRKLRLIDWGLAEFYHPGQEYNVRVASRYFKGPELLVDYQMYDYSLDMWSLGCMLASMIFRKEPFFHGHDNYDQ
LVRIAKVLGTEDLYDYIDKYNIELDPRFNDILGRHSRKRWERFVHSENQHLVSPEALDFLDKLLRYDHQSRLTAREAMEH
PYFYTVVKDQARMG
;
_entity_poly.pdbx_strand_id   A
#
loop_
_chem_comp.id
_chem_comp.type
_chem_comp.name
_chem_comp.formula
GOL non-polymer GLYCEROL 'C3 H8 O3'
ON6 non-polymer (2~{Z})-6-[[2,6-bis(chloranyl)phenyl]methylsulfonyl]-2-[[4-oxidanyl-3-[oxidanyl(oxidanylidene)-$l^{4}-azanyl]phenyl]methylidene]-4~{H}-1,4-benzothiazin-3-one 'C22 H15 Cl2 N2 O6 S2'
SO4 non-polymer 'SULFATE ION' 'O4 S -2'
#
# COMPACT_ATOMS: atom_id res chain seq x y z
N GLY A 2 0.24 -12.63 -27.39
CA GLY A 2 0.20 -12.54 -25.89
C GLY A 2 0.33 -11.10 -25.39
N PRO A 3 0.33 -10.86 -24.06
CA PRO A 3 0.42 -9.50 -23.52
C PRO A 3 1.76 -8.85 -23.83
N VAL A 4 1.73 -7.53 -24.06
CA VAL A 4 2.93 -6.75 -24.23
C VAL A 4 3.60 -6.60 -22.87
N PRO A 5 4.95 -6.72 -22.79
CA PRO A 5 5.66 -6.49 -21.53
C PRO A 5 5.66 -5.05 -21.04
N SER A 6 5.97 -4.90 -19.75
CA SER A 6 6.01 -3.61 -19.08
C SER A 6 7.20 -3.59 -18.13
N ARG A 7 7.69 -2.38 -17.84
CA ARG A 7 8.76 -2.11 -16.89
C ARG A 7 8.40 -0.83 -16.13
N ALA A 8 8.85 -0.75 -14.87
CA ALA A 8 8.75 0.48 -14.11
C ALA A 8 9.52 1.59 -14.83
N ARG A 9 9.02 2.82 -14.72
CA ARG A 9 9.66 3.96 -15.35
C ARG A 9 10.77 4.50 -14.45
N VAL A 10 10.80 4.05 -13.17
CA VAL A 10 11.81 4.47 -12.20
C VAL A 10 12.30 3.25 -11.42
N TYR A 11 13.53 3.36 -10.88
CA TYR A 11 14.13 2.32 -10.04
C TYR A 11 14.00 0.96 -10.68
N THR A 12 14.18 0.93 -11.99
CA THR A 12 13.96 -0.26 -12.77
C THR A 12 14.97 -1.34 -12.40
N ASP A 13 16.24 -0.94 -12.21
CA ASP A 13 17.34 -1.88 -12.11
C ASP A 13 18.00 -1.83 -10.74
N VAL A 14 17.25 -1.41 -9.71
CA VAL A 14 17.82 -1.26 -8.37
C VAL A 14 18.32 -2.62 -7.89
N ASN A 15 17.52 -3.68 -8.09
CA ASN A 15 17.84 -4.98 -7.49
C ASN A 15 18.97 -5.67 -8.24
N THR A 16 19.11 -5.38 -9.53
CA THR A 16 20.13 -6.03 -10.34
C THR A 16 21.51 -5.49 -9.97
N HIS A 17 21.58 -4.30 -9.36
CA HIS A 17 22.84 -3.67 -9.00
C HIS A 17 23.10 -3.73 -7.50
N ARG A 18 22.21 -4.39 -6.75
CA ARG A 18 22.48 -4.75 -5.37
C ARG A 18 23.16 -6.11 -5.34
N PRO A 19 23.89 -6.46 -4.26
CA PRO A 19 24.39 -7.83 -4.12
C PRO A 19 23.23 -8.82 -4.01
N ARG A 20 23.45 -10.05 -4.48
CA ARG A 20 22.43 -11.08 -4.56
C ARG A 20 21.72 -11.27 -3.21
N GLU A 21 22.45 -11.15 -2.10
CA GLU A 21 21.88 -11.46 -0.79
C GLU A 21 20.78 -10.46 -0.43
N TYR A 22 20.86 -9.24 -0.96
CA TYR A 22 19.86 -8.20 -0.71
C TYR A 22 18.45 -8.66 -1.10
N TRP A 23 18.30 -9.30 -2.26
CA TRP A 23 16.98 -9.67 -2.77
C TRP A 23 16.70 -11.17 -2.71
N ASP A 24 17.74 -11.99 -2.55
CA ASP A 24 17.59 -13.44 -2.56
C ASP A 24 17.19 -13.87 -1.15
N TYR A 25 15.92 -13.65 -0.81
CA TYR A 25 15.46 -13.77 0.56
C TYR A 25 15.43 -15.25 1.00
N GLU A 26 15.28 -16.18 0.04
CA GLU A 26 15.21 -17.60 0.36
C GLU A 26 16.47 -18.05 1.09
N SER A 27 17.60 -17.39 0.83
CA SER A 27 18.88 -17.81 1.38
C SER A 27 19.20 -17.10 2.70
N HIS A 28 18.32 -16.18 3.13
CA HIS A 28 18.57 -15.39 4.32
C HIS A 28 18.52 -16.27 5.57
N VAL A 29 19.40 -15.98 6.53
CA VAL A 29 19.51 -16.75 7.77
C VAL A 29 19.04 -15.86 8.93
N VAL A 30 17.98 -16.30 9.61
CA VAL A 30 17.38 -15.52 10.67
C VAL A 30 18.24 -15.62 11.92
N GLU A 31 18.58 -14.46 12.52
CA GLU A 31 19.24 -14.43 13.81
C GLU A 31 18.19 -14.15 14.87
N TRP A 32 18.05 -15.07 15.84
CA TRP A 32 16.98 -15.04 16.81
C TRP A 32 17.38 -14.24 18.05
N GLY A 33 16.42 -13.51 18.61
CA GLY A 33 16.58 -12.89 19.92
C GLY A 33 15.98 -13.76 21.02
N ASN A 34 15.83 -13.18 22.21
CA ASN A 34 15.34 -13.90 23.38
C ASN A 34 13.83 -13.72 23.51
N GLN A 35 13.07 -14.81 23.34
CA GLN A 35 11.63 -14.74 23.41
C GLN A 35 11.17 -14.29 24.81
N ASP A 36 11.98 -14.56 25.84
CA ASP A 36 11.62 -14.23 27.22
C ASP A 36 11.69 -12.73 27.51
N ASP A 37 12.24 -11.93 26.57
CA ASP A 37 12.24 -10.49 26.68
C ASP A 37 10.83 -9.89 26.50
N TYR A 38 9.88 -10.66 25.93
CA TYR A 38 8.60 -10.08 25.52
C TYR A 38 7.46 -10.81 26.21
N GLN A 39 6.59 -10.05 26.88
CA GLN A 39 5.42 -10.61 27.53
C GLN A 39 4.17 -10.07 26.83
N LEU A 40 3.34 -10.99 26.32
CA LEU A 40 2.13 -10.60 25.61
C LEU A 40 1.12 -10.01 26.60
N VAL A 41 0.44 -8.94 26.19
CA VAL A 41 -0.47 -8.23 27.08
C VAL A 41 -1.90 -8.38 26.58
N ARG A 42 -2.12 -8.16 25.28
CA ARG A 42 -3.44 -8.37 24.73
C ARG A 42 -3.38 -8.50 23.21
N LYS A 43 -4.32 -9.29 22.70
CA LYS A 43 -4.48 -9.49 21.27
C LYS A 43 -5.06 -8.21 20.65
N LEU A 44 -4.45 -7.77 19.55
CA LEU A 44 -4.91 -6.56 18.86
C LEU A 44 -5.70 -6.95 17.61
N GLY A 45 -5.28 -8.03 16.93
CA GLY A 45 -5.96 -8.44 15.72
C GLY A 45 -5.45 -9.78 15.20
N ARG A 46 -6.29 -10.43 14.38
CA ARG A 46 -5.92 -11.65 13.69
C ARG A 46 -6.30 -11.49 12.22
N GLY A 47 -5.37 -11.83 11.33
CA GLY A 47 -5.65 -11.86 9.91
C GLY A 47 -5.47 -13.26 9.35
N LYS A 48 -5.46 -13.33 8.02
CA LYS A 48 -5.23 -14.58 7.30
C LYS A 48 -3.88 -15.17 7.67
N TYR A 49 -2.88 -14.31 7.94
CA TYR A 49 -1.49 -14.74 7.93
C TYR A 49 -0.79 -14.52 9.27
N SER A 50 -1.45 -13.90 10.25
CA SER A 50 -0.79 -13.59 11.51
C SER A 50 -1.79 -13.20 12.60
N GLU A 51 -1.29 -13.22 13.84
CA GLU A 51 -1.93 -12.65 15.00
C GLU A 51 -1.00 -11.58 15.57
N VAL A 52 -1.57 -10.46 15.96
CA VAL A 52 -0.82 -9.30 16.39
C VAL A 52 -1.21 -9.02 17.83
N PHE A 53 -0.21 -8.79 18.66
CA PHE A 53 -0.41 -8.53 20.08
C PHE A 53 0.29 -7.25 20.50
N GLU A 54 -0.27 -6.58 21.49
CA GLU A 54 0.48 -5.64 22.29
C GLU A 54 1.26 -6.44 23.32
N ALA A 55 2.54 -6.08 23.49
CA ALA A 55 3.38 -6.74 24.46
C ALA A 55 4.24 -5.69 25.15
N ILE A 56 4.97 -6.15 26.17
CA ILE A 56 5.92 -5.32 26.90
C ILE A 56 7.29 -5.96 26.73
N ASN A 57 8.28 -5.14 26.38
CA ASN A 57 9.67 -5.57 26.40
C ASN A 57 10.18 -5.36 27.82
N ILE A 58 10.55 -6.44 28.50
CA ILE A 58 10.88 -6.35 29.91
C ILE A 58 12.34 -5.90 30.11
N THR A 59 13.10 -5.68 29.03
CA THR A 59 14.44 -5.14 29.15
C THR A 59 14.43 -3.61 29.22
N ASN A 60 13.27 -2.98 28.95
CA ASN A 60 13.11 -1.54 29.07
C ASN A 60 11.71 -1.15 29.57
N ASN A 61 10.86 -2.16 29.82
CA ASN A 61 9.47 -1.95 30.20
C ASN A 61 8.73 -1.08 29.18
N GLU A 62 9.08 -1.19 27.89
CA GLU A 62 8.42 -0.41 26.86
C GLU A 62 7.46 -1.30 26.06
N LYS A 63 6.35 -0.68 25.64
CA LYS A 63 5.34 -1.32 24.80
C LYS A 63 5.96 -1.67 23.47
N VAL A 64 5.66 -2.87 22.96
CA VAL A 64 6.05 -3.28 21.62
C VAL A 64 4.86 -3.97 20.97
N VAL A 65 4.99 -4.29 19.69
CA VAL A 65 3.99 -5.07 18.99
C VAL A 65 4.65 -6.37 18.57
N VAL A 66 3.95 -7.47 18.81
CA VAL A 66 4.44 -8.78 18.45
C VAL A 66 3.50 -9.37 17.43
N LYS A 67 4.04 -9.74 16.27
CA LYS A 67 3.27 -10.33 15.19
C LYS A 67 3.67 -11.80 15.03
N ILE A 68 2.77 -12.72 15.40
CA ILE A 68 3.09 -14.13 15.35
C ILE A 68 2.62 -14.68 14.01
N LEU A 69 3.59 -15.06 13.17
CA LEU A 69 3.32 -15.44 11.79
C LEU A 69 2.71 -16.83 11.79
N LYS A 70 1.66 -17.02 10.99
CA LYS A 70 1.06 -18.33 10.81
C LYS A 70 1.85 -19.08 9.75
N PRO A 71 1.88 -20.43 9.79
CA PRO A 71 2.56 -21.20 8.75
C PRO A 71 1.68 -21.39 7.51
N VAL A 72 1.54 -20.32 6.73
CA VAL A 72 0.68 -20.32 5.54
C VAL A 72 1.53 -20.65 4.33
N LYS A 73 1.81 -19.64 3.49
CA LYS A 73 2.87 -19.74 2.51
C LYS A 73 4.19 -19.53 3.24
N LYS A 74 5.06 -20.55 3.23
CA LYS A 74 6.31 -20.51 4.00
C LYS A 74 7.23 -19.43 3.44
N LYS A 75 7.22 -19.21 2.11
CA LYS A 75 8.16 -18.30 1.47
C LYS A 75 7.96 -16.87 1.97
N LYS A 76 6.71 -16.52 2.29
CA LYS A 76 6.36 -15.19 2.79
C LYS A 76 7.16 -14.83 4.05
N ILE A 77 7.54 -15.83 4.85
CA ILE A 77 8.15 -15.56 6.14
C ILE A 77 9.49 -14.85 5.93
N LYS A 78 10.41 -15.48 5.20
CA LYS A 78 11.73 -14.89 4.98
C LYS A 78 11.62 -13.63 4.11
N ARG A 79 10.62 -13.59 3.23
CA ARG A 79 10.44 -12.44 2.36
C ARG A 79 10.14 -11.20 3.19
N GLU A 80 9.17 -11.31 4.10
CA GLU A 80 8.79 -10.21 4.98
C GLU A 80 9.97 -9.79 5.86
N ILE A 81 10.63 -10.77 6.47
CA ILE A 81 11.74 -10.48 7.35
C ILE A 81 12.83 -9.68 6.60
N LYS A 82 13.21 -10.16 5.43
CA LYS A 82 14.30 -9.55 4.68
C LYS A 82 13.93 -8.14 4.22
N ILE A 83 12.66 -7.95 3.86
CA ILE A 83 12.20 -6.64 3.40
C ILE A 83 12.27 -5.65 4.57
N LEU A 84 11.83 -6.08 5.77
CA LEU A 84 11.85 -5.23 6.95
C LEU A 84 13.26 -4.82 7.35
N GLU A 85 14.21 -5.76 7.21
CA GLU A 85 15.59 -5.47 7.55
C GLU A 85 16.20 -4.54 6.51
N ASN A 86 15.88 -4.76 5.23
CA ASN A 86 16.34 -3.90 4.15
C ASN A 86 15.87 -2.46 4.33
N LEU A 87 14.61 -2.28 4.77
CA LEU A 87 13.99 -0.96 4.85
C LEU A 87 14.18 -0.32 6.21
N ARG A 88 14.72 -1.04 7.20
CA ARG A 88 14.75 -0.53 8.56
C ARG A 88 15.48 0.82 8.61
N GLY A 89 14.89 1.78 9.32
CA GLY A 89 15.45 3.12 9.43
C GLY A 89 14.93 4.08 8.36
N GLY A 90 14.28 3.57 7.31
CA GLY A 90 13.68 4.41 6.29
C GLY A 90 12.58 5.31 6.85
N PRO A 91 12.26 6.44 6.17
CA PRO A 91 11.21 7.35 6.65
C PRO A 91 9.83 6.69 6.70
N ASN A 92 9.28 6.65 7.91
CA ASN A 92 7.91 6.24 8.18
C ASN A 92 7.73 4.76 7.88
N ILE A 93 8.83 4.01 7.87
CA ILE A 93 8.79 2.55 7.79
C ILE A 93 8.75 2.02 9.23
N ILE A 94 7.79 1.16 9.55
CA ILE A 94 7.76 0.49 10.84
C ILE A 94 9.11 -0.20 11.09
N THR A 95 9.60 -0.10 12.32
CA THR A 95 10.90 -0.64 12.71
C THR A 95 10.71 -2.04 13.31
N LEU A 96 11.28 -3.04 12.63
CA LEU A 96 11.40 -4.37 13.21
C LEU A 96 12.50 -4.32 14.27
N ALA A 97 12.11 -4.47 15.54
CA ALA A 97 13.06 -4.41 16.65
C ALA A 97 13.70 -5.77 16.94
N ASP A 98 13.01 -6.88 16.65
CA ASP A 98 13.53 -8.20 17.02
C ASP A 98 12.76 -9.29 16.28
N ILE A 99 13.33 -10.49 16.30
CA ILE A 99 12.69 -11.70 15.81
C ILE A 99 12.92 -12.77 16.88
N VAL A 100 11.83 -13.38 17.38
CA VAL A 100 11.93 -14.48 18.34
C VAL A 100 11.11 -15.66 17.83
N LYS A 101 11.38 -16.85 18.40
CA LYS A 101 10.62 -18.04 18.08
C LYS A 101 9.53 -18.19 19.13
N ASP A 102 8.26 -18.09 18.72
CA ASP A 102 7.18 -18.26 19.68
C ASP A 102 7.14 -19.72 20.11
N PRO A 103 7.13 -20.03 21.42
CA PRO A 103 7.12 -21.42 21.87
C PRO A 103 5.81 -22.17 21.63
N VAL A 104 4.69 -21.46 21.49
CA VAL A 104 3.40 -22.11 21.29
C VAL A 104 3.14 -22.41 19.81
N SER A 105 3.33 -21.40 18.94
CA SER A 105 3.08 -21.57 17.52
C SER A 105 4.24 -22.30 16.84
N ARG A 106 5.43 -22.21 17.45
CA ARG A 106 6.68 -22.73 16.91
C ARG A 106 7.01 -22.05 15.59
N THR A 107 6.59 -20.78 15.45
CA THR A 107 6.85 -19.98 14.27
C THR A 107 7.52 -18.67 14.68
N PRO A 108 8.10 -17.91 13.73
CA PRO A 108 8.66 -16.60 14.05
C PRO A 108 7.59 -15.64 14.57
N ALA A 109 7.96 -14.93 15.64
CA ALA A 109 7.25 -13.74 16.09
C ALA A 109 8.11 -12.53 15.78
N LEU A 110 7.56 -11.56 15.03
CA LEU A 110 8.26 -10.33 14.73
C LEU A 110 7.90 -9.29 15.78
N VAL A 111 8.92 -8.63 16.30
CA VAL A 111 8.76 -7.60 17.31
C VAL A 111 8.98 -6.26 16.65
N PHE A 112 7.98 -5.37 16.77
CA PHE A 112 8.02 -4.04 16.16
C PHE A 112 7.94 -2.97 17.24
N GLU A 113 8.43 -1.78 16.89
CA GLU A 113 8.10 -0.56 17.59
C GLU A 113 6.59 -0.47 17.64
N HIS A 114 6.08 0.14 18.71
CA HIS A 114 4.65 0.25 18.89
C HIS A 114 4.22 1.66 18.50
N VAL A 115 3.14 1.76 17.72
CA VAL A 115 2.55 3.04 17.37
C VAL A 115 1.16 3.11 17.98
N ASN A 116 0.88 4.21 18.69
CA ASN A 116 -0.47 4.55 19.15
C ASN A 116 -1.32 4.95 17.94
N ASN A 117 -2.39 4.21 17.68
CA ASN A 117 -3.18 4.43 16.48
C ASN A 117 -4.59 4.81 16.88
N THR A 118 -5.27 5.55 15.99
CA THR A 118 -6.72 5.72 16.04
C THR A 118 -7.35 5.00 14.86
N ASP A 119 -8.40 4.22 15.14
CA ASP A 119 -9.16 3.50 14.11
C ASP A 119 -9.43 4.48 12.96
N PHE A 120 -9.10 4.08 11.73
CA PHE A 120 -9.20 4.98 10.60
C PHE A 120 -10.65 5.44 10.41
N LYS A 121 -11.62 4.59 10.75
CA LYS A 121 -13.04 4.96 10.66
C LYS A 121 -13.33 6.16 11.55
N GLN A 122 -12.74 6.17 12.76
CA GLN A 122 -12.85 7.32 13.65
C GLN A 122 -12.07 8.51 13.10
N LEU A 123 -10.81 8.26 12.70
CA LEU A 123 -9.85 9.33 12.48
C LEU A 123 -10.12 10.08 11.18
N TYR A 124 -10.55 9.37 10.14
CA TYR A 124 -10.71 10.00 8.84
C TYR A 124 -11.88 10.99 8.89
N GLN A 125 -12.82 10.78 9.81
CA GLN A 125 -13.94 11.70 9.98
C GLN A 125 -13.48 13.00 10.65
N THR A 126 -12.27 12.98 11.24
CA THR A 126 -11.70 14.09 11.98
C THR A 126 -10.74 14.94 11.13
N LEU A 127 -10.13 14.37 10.08
CA LEU A 127 -9.02 15.02 9.40
C LEU A 127 -9.46 16.31 8.72
N THR A 128 -8.67 17.35 8.94
CA THR A 128 -8.83 18.60 8.22
C THR A 128 -8.14 18.47 6.87
N ASP A 129 -8.42 19.43 5.98
CA ASP A 129 -7.73 19.57 4.71
C ASP A 129 -6.22 19.55 4.93
N TYR A 130 -5.73 20.31 5.91
CA TYR A 130 -4.29 20.36 6.15
C TYR A 130 -3.77 19.00 6.58
N ASP A 131 -4.49 18.34 7.49
CA ASP A 131 -4.09 17.03 7.99
C ASP A 131 -3.97 16.01 6.86
N ILE A 132 -4.93 16.04 5.92
CA ILE A 132 -4.92 15.09 4.81
C ILE A 132 -3.64 15.27 3.99
N ARG A 133 -3.29 16.52 3.67
CA ARG A 133 -2.12 16.78 2.86
C ARG A 133 -0.87 16.36 3.63
N PHE A 134 -0.84 16.65 4.93
CA PHE A 134 0.31 16.32 5.74
C PHE A 134 0.57 14.81 5.76
N TYR A 135 -0.47 14.02 6.01
CA TYR A 135 -0.29 12.58 6.16
C TYR A 135 -0.04 11.91 4.82
N MET A 136 -0.63 12.42 3.74
N MET A 136 -0.65 12.42 3.74
CA MET A 136 -0.36 11.91 2.41
CA MET A 136 -0.37 11.94 2.40
C MET A 136 1.12 12.08 2.05
C MET A 136 1.12 12.07 2.08
N TYR A 137 1.68 13.24 2.41
CA TYR A 137 3.09 13.50 2.17
C TYR A 137 3.95 12.50 2.96
N GLU A 138 3.57 12.23 4.20
CA GLU A 138 4.27 11.27 5.05
C GLU A 138 4.20 9.85 4.46
N ILE A 139 3.05 9.46 3.90
CA ILE A 139 2.96 8.15 3.26
C ILE A 139 3.86 8.12 2.01
N LEU A 140 3.90 9.23 1.26
CA LEU A 140 4.70 9.29 0.07
C LEU A 140 6.19 9.11 0.40
N LYS A 141 6.63 9.59 1.57
CA LYS A 141 8.02 9.43 1.96
C LYS A 141 8.34 7.94 2.09
N ALA A 142 7.42 7.19 2.72
CA ALA A 142 7.58 5.75 2.91
C ALA A 142 7.60 5.03 1.57
N LEU A 143 6.66 5.38 0.68
CA LEU A 143 6.58 4.72 -0.61
C LEU A 143 7.77 5.08 -1.50
N ASP A 144 8.20 6.34 -1.55
CA ASP A 144 9.35 6.62 -2.37
C ASP A 144 10.58 5.87 -1.83
N TYR A 145 10.68 5.76 -0.50
CA TYR A 145 11.79 5.02 0.10
C TYR A 145 11.76 3.55 -0.32
N CYS A 146 10.64 2.86 -0.15
CA CYS A 146 10.64 1.43 -0.40
C CYS A 146 10.79 1.14 -1.90
N HIS A 147 10.16 1.96 -2.75
CA HIS A 147 10.38 1.87 -4.19
C HIS A 147 11.86 2.11 -4.56
N SER A 148 12.53 3.06 -3.92
CA SER A 148 13.94 3.35 -4.22
C SER A 148 14.84 2.18 -3.82
N MET A 149 14.32 1.35 -2.91
CA MET A 149 15.03 0.20 -2.38
C MET A 149 14.57 -1.06 -3.09
N GLY A 150 13.80 -0.89 -4.17
CA GLY A 150 13.48 -2.00 -5.04
C GLY A 150 12.35 -2.87 -4.52
N ILE A 151 11.49 -2.29 -3.67
CA ILE A 151 10.41 -3.03 -3.05
C ILE A 151 9.07 -2.34 -3.33
N MET A 152 8.07 -3.16 -3.67
CA MET A 152 6.69 -2.68 -3.74
C MET A 152 5.89 -3.26 -2.57
N HIS A 153 5.00 -2.43 -1.99
CA HIS A 153 4.29 -2.80 -0.77
C HIS A 153 3.16 -3.76 -1.08
N ARG A 154 2.30 -3.36 -2.02
CA ARG A 154 1.27 -4.19 -2.62
C ARG A 154 0.07 -4.39 -1.69
N ASP A 155 0.00 -3.69 -0.56
CA ASP A 155 -1.19 -3.74 0.30
C ASP A 155 -1.40 -2.40 1.00
N VAL A 156 -1.29 -1.32 0.23
CA VAL A 156 -1.52 0.01 0.76
C VAL A 156 -3.03 0.18 0.96
N LYS A 157 -3.41 0.47 2.19
CA LYS A 157 -4.79 0.66 2.58
C LYS A 157 -4.79 1.30 3.95
N PRO A 158 -5.89 1.95 4.37
CA PRO A 158 -5.93 2.63 5.65
C PRO A 158 -5.53 1.79 6.86
N HIS A 159 -5.92 0.52 6.87
CA HIS A 159 -5.59 -0.39 7.96
C HIS A 159 -4.09 -0.59 8.10
N ASN A 160 -3.31 -0.33 7.04
CA ASN A 160 -1.87 -0.57 7.08
C ASN A 160 -1.09 0.74 7.27
N VAL A 161 -1.81 1.81 7.62
CA VAL A 161 -1.17 3.06 7.96
C VAL A 161 -1.55 3.37 9.41
N MET A 162 -0.58 3.21 10.31
CA MET A 162 -0.72 3.60 11.70
C MET A 162 -0.44 5.09 11.85
N ILE A 163 -1.39 5.82 12.47
CA ILE A 163 -1.22 7.23 12.75
C ILE A 163 -1.48 7.49 14.24
N ASP A 164 -0.42 7.96 14.89
CA ASP A 164 -0.47 8.61 16.20
C ASP A 164 -0.71 10.11 15.99
N HIS A 165 -2.00 10.47 16.01
CA HIS A 165 -2.44 11.80 15.61
C HIS A 165 -1.93 12.85 16.59
N GLU A 166 -1.79 12.45 17.86
CA GLU A 166 -1.35 13.34 18.94
C GLU A 166 0.05 13.85 18.63
N HIS A 167 0.92 12.95 18.20
CA HIS A 167 2.32 13.26 17.94
C HIS A 167 2.59 13.37 16.44
N ARG A 168 1.52 13.35 15.64
CA ARG A 168 1.61 13.60 14.20
C ARG A 168 2.66 12.67 13.59
N LYS A 169 2.54 11.38 13.90
CA LYS A 169 3.51 10.37 13.55
C LYS A 169 2.79 9.29 12.76
N LEU A 170 3.40 8.84 11.65
CA LEU A 170 2.80 7.87 10.73
C LEU A 170 3.80 6.76 10.42
N ARG A 171 3.31 5.50 10.39
CA ARG A 171 4.10 4.35 10.01
C ARG A 171 3.32 3.45 9.04
N LEU A 172 4.00 3.04 7.97
CA LEU A 172 3.47 2.05 7.04
C LEU A 172 3.81 0.65 7.57
N ILE A 173 2.79 -0.19 7.75
CA ILE A 173 2.96 -1.49 8.38
C ILE A 173 2.52 -2.60 7.43
N ASP A 174 2.59 -3.84 7.94
CA ASP A 174 2.20 -5.08 7.29
C ASP A 174 2.82 -5.23 5.92
N TRP A 175 4.13 -5.58 5.93
CA TRP A 175 4.93 -5.81 4.75
C TRP A 175 4.85 -7.26 4.27
N GLY A 176 3.85 -8.02 4.76
CA GLY A 176 3.70 -9.43 4.45
C GLY A 176 3.35 -9.72 3.00
N LEU A 177 2.84 -8.73 2.25
CA LEU A 177 2.60 -8.92 0.82
C LEU A 177 3.69 -8.25 -0.02
N ALA A 178 4.62 -7.53 0.59
CA ALA A 178 5.63 -6.80 -0.15
C ALA A 178 6.55 -7.73 -0.93
N GLU A 179 7.10 -7.22 -2.05
CA GLU A 179 7.88 -8.04 -2.96
C GLU A 179 8.98 -7.19 -3.61
N PHE A 180 10.09 -7.85 -3.98
CA PHE A 180 11.15 -7.22 -4.74
C PHE A 180 10.73 -7.07 -6.19
N TYR A 181 10.96 -5.87 -6.74
CA TYR A 181 10.68 -5.59 -8.15
C TYR A 181 11.89 -5.98 -9.00
N HIS A 182 11.64 -6.88 -9.96
CA HIS A 182 12.62 -7.32 -10.94
C HIS A 182 12.01 -7.10 -12.32
N PRO A 183 12.60 -6.22 -13.15
CA PRO A 183 12.06 -5.96 -14.49
C PRO A 183 11.78 -7.26 -15.24
N GLY A 184 10.57 -7.37 -15.78
CA GLY A 184 10.16 -8.50 -16.60
C GLY A 184 9.52 -9.63 -15.79
N GLN A 185 9.56 -9.54 -14.46
CA GLN A 185 9.05 -10.60 -13.62
C GLN A 185 7.52 -10.55 -13.62
N GLU A 186 6.89 -11.73 -13.56
CA GLU A 186 5.44 -11.80 -13.52
C GLU A 186 5.05 -12.13 -12.09
N TYR A 187 4.07 -11.38 -11.56
CA TYR A 187 3.70 -11.43 -10.16
C TYR A 187 2.26 -11.89 -10.03
N ASN A 188 1.94 -12.33 -8.80
CA ASN A 188 0.63 -12.76 -8.43
C ASN A 188 -0.29 -11.55 -8.41
N VAL A 189 -1.46 -11.63 -9.06
CA VAL A 189 -2.41 -10.53 -9.09
C VAL A 189 -3.33 -10.55 -7.87
N ARG A 190 -3.31 -11.65 -7.10
CA ARG A 190 -4.14 -11.77 -5.91
C ARG A 190 -3.44 -11.11 -4.73
N VAL A 191 -3.22 -9.79 -4.84
CA VAL A 191 -2.67 -8.99 -3.76
C VAL A 191 -3.59 -7.79 -3.54
N ALA A 192 -3.32 -7.03 -2.47
CA ALA A 192 -4.07 -5.85 -2.10
C ALA A 192 -5.50 -6.24 -1.70
N SER A 193 -6.16 -5.34 -0.97
CA SER A 193 -7.54 -5.56 -0.60
C SER A 193 -8.44 -5.04 -1.71
N ARG A 194 -9.65 -5.63 -1.83
CA ARG A 194 -10.52 -5.41 -2.97
C ARG A 194 -10.59 -3.94 -3.39
N TYR A 195 -10.82 -3.03 -2.45
CA TYR A 195 -11.19 -1.67 -2.79
C TYR A 195 -9.98 -0.88 -3.28
N PHE A 196 -8.79 -1.43 -3.05
CA PHE A 196 -7.54 -0.76 -3.37
C PHE A 196 -6.78 -1.47 -4.47
N LYS A 197 -7.37 -2.51 -5.07
CA LYS A 197 -6.72 -3.25 -6.15
C LYS A 197 -6.62 -2.36 -7.38
N GLY A 198 -5.42 -2.28 -7.94
CA GLY A 198 -5.24 -1.54 -9.18
C GLY A 198 -5.90 -2.25 -10.38
N PRO A 199 -6.26 -1.51 -11.44
CA PRO A 199 -6.74 -2.09 -12.71
C PRO A 199 -5.89 -3.23 -13.28
N GLU A 200 -4.56 -3.11 -13.17
CA GLU A 200 -3.67 -4.18 -13.59
C GLU A 200 -4.05 -5.50 -12.91
N LEU A 201 -4.35 -5.48 -11.61
CA LEU A 201 -4.70 -6.72 -10.92
C LEU A 201 -6.05 -7.22 -11.44
N LEU A 202 -6.99 -6.30 -11.67
CA LEU A 202 -8.36 -6.63 -12.00
C LEU A 202 -8.49 -7.14 -13.43
N VAL A 203 -7.54 -6.79 -14.30
CA VAL A 203 -7.54 -7.33 -15.65
C VAL A 203 -6.52 -8.46 -15.82
N ASP A 204 -5.87 -8.90 -14.74
CA ASP A 204 -4.99 -10.05 -14.74
C ASP A 204 -3.70 -9.80 -15.54
N TYR A 205 -3.17 -8.57 -15.46
CA TYR A 205 -1.86 -8.25 -16.01
C TYR A 205 -0.79 -8.43 -14.93
N GLN A 206 0.15 -9.36 -15.16
CA GLN A 206 1.04 -9.81 -14.10
C GLN A 206 2.35 -9.00 -14.03
N MET A 207 2.71 -8.29 -15.10
CA MET A 207 4.01 -7.65 -15.15
C MET A 207 3.93 -6.21 -14.64
N TYR A 208 3.47 -6.07 -13.38
CA TYR A 208 3.21 -4.79 -12.77
C TYR A 208 4.42 -4.37 -11.94
N ASP A 209 4.32 -3.21 -11.26
CA ASP A 209 5.46 -2.64 -10.58
C ASP A 209 5.01 -1.75 -9.43
N TYR A 210 5.93 -0.92 -8.92
CA TYR A 210 5.71 0.06 -7.86
C TYR A 210 4.43 0.89 -8.05
N SER A 211 4.05 1.15 -9.30
CA SER A 211 2.93 2.01 -9.64
C SER A 211 1.61 1.44 -9.11
N LEU A 212 1.56 0.13 -8.78
CA LEU A 212 0.40 -0.45 -8.10
C LEU A 212 0.11 0.31 -6.80
N ASP A 213 1.15 0.65 -6.03
CA ASP A 213 0.97 1.28 -4.73
C ASP A 213 0.38 2.69 -4.89
N MET A 214 0.65 3.33 -6.03
CA MET A 214 0.17 4.67 -6.31
C MET A 214 -1.34 4.65 -6.64
N TRP A 215 -1.84 3.57 -7.26
CA TRP A 215 -3.28 3.42 -7.44
C TRP A 215 -3.95 3.32 -6.06
N SER A 216 -3.41 2.40 -5.25
CA SER A 216 -3.93 2.18 -3.90
C SER A 216 -3.97 3.48 -3.11
N LEU A 217 -2.92 4.29 -3.22
CA LEU A 217 -2.84 5.55 -2.49
C LEU A 217 -3.92 6.51 -2.99
N GLY A 218 -4.12 6.52 -4.31
CA GLY A 218 -5.16 7.34 -4.91
C GLY A 218 -6.54 6.98 -4.38
N CYS A 219 -6.79 5.67 -4.16
CA CYS A 219 -8.05 5.19 -3.64
C CYS A 219 -8.26 5.74 -2.23
N MET A 220 -7.16 5.77 -1.47
CA MET A 220 -7.18 6.30 -0.11
C MET A 220 -7.49 7.79 -0.16
N LEU A 221 -6.77 8.53 -1.03
CA LEU A 221 -6.98 9.96 -1.16
C LEU A 221 -8.44 10.27 -1.47
N ALA A 222 -9.00 9.58 -2.47
CA ALA A 222 -10.38 9.83 -2.87
C ALA A 222 -11.34 9.62 -1.69
N SER A 223 -11.10 8.61 -0.85
CA SER A 223 -12.02 8.31 0.23
C SER A 223 -11.96 9.44 1.27
N MET A 224 -10.75 9.96 1.50
CA MET A 224 -10.51 11.03 2.46
C MET A 224 -11.10 12.36 1.99
N ILE A 225 -10.75 12.83 0.78
CA ILE A 225 -11.16 14.17 0.38
C ILE A 225 -12.65 14.17 0.05
N PHE A 226 -13.22 13.03 -0.36
CA PHE A 226 -14.64 13.04 -0.70
C PHE A 226 -15.48 12.55 0.47
N ARG A 227 -14.84 12.06 1.53
CA ARG A 227 -15.55 11.48 2.66
C ARG A 227 -16.46 10.35 2.17
N LYS A 228 -15.90 9.42 1.39
CA LYS A 228 -16.64 8.25 0.95
C LYS A 228 -15.74 7.03 1.11
N GLU A 229 -16.13 6.15 2.04
CA GLU A 229 -15.29 5.07 2.52
C GLU A 229 -15.96 3.73 2.22
N PRO A 230 -15.43 2.87 1.33
CA PRO A 230 -14.37 3.21 0.38
C PRO A 230 -14.92 3.91 -0.85
N PHE A 231 -14.02 4.42 -1.69
CA PHE A 231 -14.44 5.20 -2.84
C PHE A 231 -14.98 4.31 -3.96
N PHE A 232 -14.20 3.30 -4.35
CA PHE A 232 -14.62 2.30 -5.32
C PHE A 232 -15.14 1.07 -4.55
N HIS A 233 -16.46 0.90 -4.50
CA HIS A 233 -17.08 -0.02 -3.54
C HIS A 233 -17.64 -1.23 -4.29
N GLY A 234 -16.76 -2.10 -4.79
CA GLY A 234 -17.20 -3.27 -5.55
C GLY A 234 -17.64 -4.40 -4.63
N HIS A 235 -18.64 -5.17 -5.07
CA HIS A 235 -19.12 -6.29 -4.28
C HIS A 235 -18.28 -7.54 -4.52
N ASP A 236 -17.43 -7.51 -5.56
CA ASP A 236 -16.46 -8.55 -5.84
C ASP A 236 -15.40 -7.97 -6.78
N ASN A 237 -14.43 -8.79 -7.21
CA ASN A 237 -13.31 -8.28 -8.01
C ASN A 237 -13.76 -7.86 -9.41
N TYR A 238 -14.87 -8.42 -9.88
CA TYR A 238 -15.40 -8.06 -11.19
C TYR A 238 -16.10 -6.72 -11.09
N ASP A 239 -17.01 -6.62 -10.13
CA ASP A 239 -17.77 -5.41 -9.92
C ASP A 239 -16.84 -4.27 -9.51
N GLN A 240 -15.68 -4.61 -8.94
CA GLN A 240 -14.68 -3.61 -8.61
C GLN A 240 -14.22 -2.88 -9.88
N LEU A 241 -13.97 -3.61 -10.97
CA LEU A 241 -13.54 -2.95 -12.20
C LEU A 241 -14.68 -2.13 -12.80
N VAL A 242 -15.93 -2.62 -12.72
CA VAL A 242 -17.07 -1.90 -13.25
C VAL A 242 -17.22 -0.58 -12.50
N ARG A 243 -17.05 -0.59 -11.18
CA ARG A 243 -17.18 0.62 -10.38
C ARG A 243 -16.12 1.64 -10.81
N ILE A 244 -14.90 1.17 -11.05
CA ILE A 244 -13.86 2.06 -11.54
C ILE A 244 -14.21 2.59 -12.93
N ALA A 245 -14.73 1.73 -13.81
CA ALA A 245 -15.05 2.16 -15.17
C ALA A 245 -16.26 3.12 -15.18
N LYS A 246 -17.09 3.09 -14.16
CA LYS A 246 -18.19 4.04 -14.06
C LYS A 246 -17.70 5.47 -13.78
N VAL A 247 -16.44 5.61 -13.36
CA VAL A 247 -15.84 6.91 -13.07
C VAL A 247 -14.82 7.27 -14.15
N LEU A 248 -13.90 6.36 -14.47
CA LEU A 248 -12.81 6.67 -15.38
C LEU A 248 -13.24 6.43 -16.82
N GLY A 249 -14.37 5.71 -16.99
CA GLY A 249 -14.95 5.47 -18.30
C GLY A 249 -14.44 4.19 -18.94
N THR A 250 -15.25 3.63 -19.84
CA THR A 250 -14.88 2.38 -20.51
C THR A 250 -13.93 2.60 -21.69
N GLU A 251 -13.97 3.76 -22.35
CA GLU A 251 -13.13 3.96 -23.53
C GLU A 251 -11.64 3.93 -23.13
N ASP A 252 -11.29 4.60 -22.02
CA ASP A 252 -9.90 4.58 -21.55
C ASP A 252 -9.52 3.21 -21.00
N LEU A 253 -10.50 2.41 -20.53
CA LEU A 253 -10.20 1.05 -20.09
C LEU A 253 -9.80 0.21 -21.30
N TYR A 254 -10.57 0.33 -22.37
CA TYR A 254 -10.27 -0.43 -23.58
C TYR A 254 -8.93 -0.01 -24.19
N ASP A 255 -8.64 1.29 -24.20
CA ASP A 255 -7.34 1.79 -24.63
C ASP A 255 -6.21 1.15 -23.81
N TYR A 256 -6.40 1.02 -22.48
CA TYR A 256 -5.41 0.41 -21.60
C TYR A 256 -5.14 -1.06 -21.95
N ILE A 257 -6.19 -1.87 -22.05
CA ILE A 257 -5.99 -3.30 -22.26
C ILE A 257 -5.50 -3.52 -23.69
N ASP A 258 -5.90 -2.64 -24.62
CA ASP A 258 -5.44 -2.72 -26.00
C ASP A 258 -3.95 -2.38 -26.09
N LYS A 259 -3.49 -1.38 -25.32
CA LYS A 259 -2.07 -1.05 -25.29
C LYS A 259 -1.21 -2.25 -24.91
N TYR A 260 -1.62 -3.02 -23.89
CA TYR A 260 -0.85 -4.15 -23.39
C TYR A 260 -1.30 -5.46 -24.03
N ASN A 261 -2.18 -5.37 -25.04
CA ASN A 261 -2.66 -6.55 -25.75
C ASN A 261 -3.22 -7.55 -24.74
N ILE A 262 -4.06 -7.05 -23.81
CA ILE A 262 -4.73 -7.85 -22.80
C ILE A 262 -6.16 -8.09 -23.25
N GLU A 263 -6.68 -9.27 -22.95
CA GLU A 263 -8.07 -9.57 -23.19
C GLU A 263 -8.83 -9.60 -21.86
N LEU A 264 -9.89 -8.81 -21.75
CA LEU A 264 -10.76 -8.87 -20.58
C LEU A 264 -11.36 -10.26 -20.50
N ASP A 265 -11.53 -10.74 -19.27
CA ASP A 265 -12.37 -11.88 -18.96
C ASP A 265 -13.69 -11.71 -19.72
N PRO A 266 -14.14 -12.72 -20.50
CA PRO A 266 -15.45 -12.66 -21.15
C PRO A 266 -16.60 -12.38 -20.21
N ARG A 267 -16.41 -12.65 -18.91
CA ARG A 267 -17.38 -12.38 -17.87
C ARG A 267 -17.86 -10.92 -17.89
N PHE A 268 -17.00 -10.00 -18.35
CA PHE A 268 -17.33 -8.58 -18.35
C PHE A 268 -18.31 -8.20 -19.46
N ASN A 269 -18.48 -9.04 -20.49
CA ASN A 269 -19.29 -8.70 -21.66
C ASN A 269 -20.68 -8.22 -21.25
N ASP A 270 -21.28 -8.89 -20.27
CA ASP A 270 -22.64 -8.62 -19.88
C ASP A 270 -22.73 -7.49 -18.85
N ILE A 271 -21.63 -7.15 -18.17
CA ILE A 271 -21.74 -6.34 -16.97
C ILE A 271 -20.98 -5.02 -17.09
N LEU A 272 -20.08 -4.87 -18.06
CA LEU A 272 -19.21 -3.70 -18.08
C LEU A 272 -19.98 -2.47 -18.53
N GLY A 273 -20.76 -2.62 -19.61
CA GLY A 273 -21.50 -1.50 -20.20
C GLY A 273 -20.59 -0.48 -20.88
N ARG A 274 -21.18 0.69 -21.17
CA ARG A 274 -20.48 1.81 -21.77
C ARG A 274 -20.62 3.01 -20.84
N HIS A 275 -19.49 3.55 -20.37
CA HIS A 275 -19.50 4.67 -19.44
C HIS A 275 -18.55 5.76 -19.90
N SER A 276 -19.03 6.99 -19.83
CA SER A 276 -18.22 8.19 -20.00
C SER A 276 -17.29 8.37 -18.81
N ARG A 277 -16.13 9.00 -19.04
CA ARG A 277 -15.28 9.50 -17.96
C ARG A 277 -16.01 10.65 -17.30
N LYS A 278 -16.03 10.62 -15.96
CA LYS A 278 -16.72 11.63 -15.17
C LYS A 278 -15.71 12.67 -14.71
N ARG A 279 -16.19 13.91 -14.54
CA ARG A 279 -15.38 14.97 -13.95
C ARG A 279 -15.42 14.83 -12.43
N TRP A 280 -14.28 15.07 -11.75
CA TRP A 280 -14.17 14.82 -10.32
C TRP A 280 -15.14 15.68 -9.51
N GLU A 281 -15.57 16.82 -10.07
CA GLU A 281 -16.45 17.79 -9.41
C GLU A 281 -17.78 17.15 -8.99
N ARG A 282 -18.16 16.10 -9.71
CA ARG A 282 -19.38 15.35 -9.46
C ARG A 282 -19.45 14.82 -8.02
N PHE A 283 -18.30 14.54 -7.37
CA PHE A 283 -18.28 13.87 -6.07
C PHE A 283 -18.16 14.90 -4.95
N VAL A 284 -18.06 16.17 -5.31
CA VAL A 284 -18.00 17.27 -4.35
C VAL A 284 -19.43 17.62 -3.90
N HIS A 285 -19.60 17.81 -2.60
CA HIS A 285 -20.87 18.28 -2.07
C HIS A 285 -20.58 19.09 -0.79
N SER A 286 -21.65 19.60 -0.16
CA SER A 286 -21.45 20.59 0.90
C SER A 286 -20.70 20.00 2.09
N GLU A 287 -20.77 18.68 2.26
CA GLU A 287 -20.16 18.01 3.40
C GLU A 287 -18.68 17.68 3.20
N ASN A 288 -18.18 17.70 1.95
CA ASN A 288 -16.76 17.43 1.73
C ASN A 288 -16.03 18.59 1.06
N GLN A 289 -16.70 19.71 0.74
CA GLN A 289 -16.11 20.71 -0.14
C GLN A 289 -14.90 21.40 0.52
N HIS A 290 -14.86 21.40 1.85
CA HIS A 290 -13.75 21.98 2.58
C HIS A 290 -12.49 21.12 2.46
N LEU A 291 -12.61 19.88 1.98
CA LEU A 291 -11.46 19.00 1.79
C LEU A 291 -10.98 19.01 0.34
N VAL A 292 -11.76 19.63 -0.54
CA VAL A 292 -11.49 19.58 -1.97
C VAL A 292 -10.94 20.93 -2.40
N SER A 293 -9.99 20.87 -3.32
CA SER A 293 -9.44 22.05 -3.96
C SER A 293 -9.09 21.64 -5.38
N PRO A 294 -8.87 22.60 -6.31
CA PRO A 294 -8.34 22.26 -7.62
C PRO A 294 -7.05 21.43 -7.55
N GLU A 295 -6.18 21.73 -6.58
CA GLU A 295 -4.94 20.99 -6.44
C GLU A 295 -5.21 19.53 -6.06
N ALA A 296 -6.13 19.31 -5.10
CA ALA A 296 -6.48 17.96 -4.66
C ALA A 296 -7.00 17.14 -5.84
N LEU A 297 -7.88 17.75 -6.64
CA LEU A 297 -8.51 17.03 -7.74
C LEU A 297 -7.49 16.71 -8.83
N ASP A 298 -6.55 17.63 -9.10
CA ASP A 298 -5.54 17.40 -10.11
C ASP A 298 -4.61 16.26 -9.66
N PHE A 299 -4.26 16.28 -8.37
CA PHE A 299 -3.37 15.28 -7.81
C PHE A 299 -4.04 13.91 -7.91
N LEU A 300 -5.30 13.83 -7.48
CA LEU A 300 -6.04 12.57 -7.50
C LEU A 300 -6.14 12.04 -8.92
N ASP A 301 -6.44 12.96 -9.85
CA ASP A 301 -6.56 12.63 -11.25
C ASP A 301 -5.30 11.97 -11.79
N LYS A 302 -4.13 12.37 -11.27
CA LYS A 302 -2.85 11.93 -11.80
C LYS A 302 -2.40 10.61 -11.14
N LEU A 303 -3.06 10.21 -10.05
CA LEU A 303 -2.82 8.93 -9.41
C LEU A 303 -3.74 7.88 -10.03
N LEU A 304 -5.03 8.22 -10.17
CA LEU A 304 -6.01 7.22 -10.60
C LEU A 304 -6.07 7.21 -12.14
N ARG A 305 -5.06 6.56 -12.73
CA ARG A 305 -5.02 6.33 -14.17
C ARG A 305 -5.03 4.81 -14.38
N TYR A 306 -5.78 4.34 -15.39
CA TYR A 306 -5.74 2.93 -15.73
C TYR A 306 -4.32 2.49 -16.05
N ASP A 307 -3.66 3.20 -16.96
CA ASP A 307 -2.30 2.83 -17.34
C ASP A 307 -1.35 3.06 -16.16
N HIS A 308 -0.85 1.95 -15.60
CA HIS A 308 0.13 1.97 -14.53
C HIS A 308 1.36 2.81 -14.92
N GLN A 309 1.70 2.87 -16.21
CA GLN A 309 2.85 3.65 -16.67
C GLN A 309 2.62 5.16 -16.64
N SER A 310 1.36 5.61 -16.54
CA SER A 310 1.03 7.02 -16.64
CA SER A 310 1.05 7.04 -16.64
C SER A 310 0.81 7.65 -15.27
N ARG A 311 0.78 6.84 -14.21
CA ARG A 311 0.54 7.37 -12.87
C ARG A 311 1.77 8.14 -12.38
N LEU A 312 1.54 9.15 -11.51
CA LEU A 312 2.65 9.78 -10.81
C LEU A 312 3.44 8.73 -10.06
N THR A 313 4.77 8.88 -10.11
CA THR A 313 5.62 8.15 -9.17
C THR A 313 5.53 8.84 -7.82
N ALA A 314 6.00 8.14 -6.78
CA ALA A 314 6.01 8.72 -5.45
C ALA A 314 6.73 10.07 -5.46
N ARG A 315 7.94 10.14 -6.06
CA ARG A 315 8.74 11.36 -6.03
C ARG A 315 8.02 12.47 -6.79
N GLU A 316 7.50 12.17 -7.99
CA GLU A 316 6.72 13.15 -8.72
C GLU A 316 5.52 13.62 -7.90
N ALA A 317 4.87 12.70 -7.18
CA ALA A 317 3.72 13.08 -6.37
C ALA A 317 4.11 14.10 -5.30
N MET A 318 5.31 13.94 -4.72
CA MET A 318 5.80 14.81 -3.67
CA MET A 318 5.75 14.82 -3.66
C MET A 318 6.11 16.21 -4.21
N GLU A 319 6.30 16.32 -5.52
CA GLU A 319 6.54 17.61 -6.14
C GLU A 319 5.24 18.37 -6.42
N HIS A 320 4.06 17.76 -6.18
CA HIS A 320 2.81 18.32 -6.69
C HIS A 320 2.36 19.54 -5.89
N PRO A 321 1.74 20.56 -6.56
CA PRO A 321 1.22 21.74 -5.86
C PRO A 321 0.38 21.48 -4.62
N TYR A 322 -0.31 20.34 -4.57
CA TYR A 322 -1.15 19.97 -3.44
C TYR A 322 -0.34 20.07 -2.14
N PHE A 323 0.97 19.84 -2.20
CA PHE A 323 1.77 19.76 -0.99
C PHE A 323 2.49 21.08 -0.68
N TYR A 324 2.25 22.13 -1.48
CA TYR A 324 2.97 23.38 -1.29
C TYR A 324 2.62 23.99 0.07
N THR A 325 1.39 23.79 0.57
CA THR A 325 0.98 24.38 1.84
C THR A 325 1.53 23.62 3.05
N VAL A 326 1.98 22.37 2.86
CA VAL A 326 2.48 21.54 3.96
C VAL A 326 3.85 22.03 4.40
N VAL A 327 4.01 22.28 5.71
CA VAL A 327 5.26 22.74 6.27
C VAL A 327 6.29 21.61 6.20
N LYS A 328 7.43 21.87 5.57
CA LYS A 328 8.46 20.85 5.40
C LYS A 328 9.34 20.80 6.65
N ASP A 329 9.68 19.57 7.07
CA ASP A 329 10.40 19.32 8.30
C ASP A 329 11.91 19.27 8.03
S SO4 B . -8.13 -11.92 -3.88
O1 SO4 B . -9.32 -11.10 -3.85
O2 SO4 B . -6.98 -11.13 -3.51
O3 SO4 B . -7.95 -12.45 -5.21
O4 SO4 B . -8.30 -13.01 -2.95
S SO4 C . -5.74 6.56 -18.29
O1 SO4 C . -4.71 7.56 -18.20
O2 SO4 C . -6.60 6.59 -17.09
O3 SO4 C . -5.11 5.28 -18.49
O4 SO4 C . -6.59 6.86 -19.42
S SO4 D . -22.15 2.72 -3.33
O1 SO4 D . -21.81 3.33 -2.07
O2 SO4 D . -21.16 3.08 -4.31
O3 SO4 D . -23.44 3.19 -3.76
O4 SO4 D . -22.20 1.29 -3.18
S SO4 E . 2.30 -13.69 -3.10
O1 SO4 E . 3.53 -13.19 -3.65
O2 SO4 E . 2.26 -13.41 -1.68
O3 SO4 E . 1.21 -13.04 -3.75
O4 SO4 E . 2.21 -15.10 -3.32
C1 GOL F . 4.76 -22.11 -0.64
O1 GOL F . 5.51 -21.13 0.06
C2 GOL F . 4.87 -21.93 -2.14
O2 GOL F . 3.77 -21.16 -2.62
C3 GOL F . 6.16 -21.29 -2.58
O3 GOL F . 6.38 -21.48 -3.99
H11 GOL F . 3.81 -22.04 -0.37
H12 GOL F . 5.09 -23.01 -0.39
HO1 GOL F . 6.27 -21.46 0.26
H2 GOL F . 4.82 -22.83 -2.55
HO2 GOL F . 3.71 -21.29 -3.45
H31 GOL F . 6.92 -21.69 -2.08
H32 GOL F . 6.13 -20.32 -2.39
HO3 GOL F . 5.91 -20.91 -4.40
O3 ON6 G . 0.79 -6.89 10.60
N2 ON6 G . 0.55 -5.89 11.26
O4 ON6 G . -0.62 -5.65 11.49
C14 ON6 G . 1.55 -5.07 11.75
C15 ON6 G . 1.25 -4.23 12.82
C13 ON6 G . 2.84 -5.08 11.21
O2 ON6 G . 3.15 -5.85 10.16
C12 ON6 G . 3.81 -4.24 11.74
C11 ON6 G . 3.50 -3.43 12.83
C10 ON6 G . 2.22 -3.39 13.36
C9 ON6 G . 2.02 -2.45 14.50
C8 ON6 G . 0.74 -2.02 15.12
S2 ON6 G . -0.72 -2.83 14.94
C7 ON6 G . 0.82 -0.89 16.09
O1 ON6 G . 1.85 -0.18 16.14
N1 ON6 G . -0.27 -0.33 16.61
C2 ON6 G . -1.41 -0.99 16.84
C3 ON6 G . -2.35 -0.26 17.59
C1 ON6 G . -1.82 -2.05 16.01
C6 ON6 G . -3.18 -2.36 15.97
C5 ON6 G . -4.11 -1.62 16.73
C4 ON6 G . -3.71 -0.55 17.54
S1 ON6 G . -4.81 0.30 18.41
O6 ON6 G . -4.20 1.45 19.04
O5 ON6 G . -5.30 -0.59 19.42
C16 ON6 G . -6.04 0.78 17.40
C20 ON6 G . -7.19 0.10 17.52
C21 ON6 G . -8.01 -0.29 18.72
CL2 ON6 G . -7.54 0.18 20.39
C22 ON6 G . -9.16 -1.06 18.55
C17 ON6 G . -9.56 -1.46 17.28
C18 ON6 G . -8.81 -1.08 16.17
C19 ON6 G . -7.59 -0.37 16.29
CL1 ON6 G . -6.64 0.10 14.82
H5 ON6 G . 0.25 -4.25 13.22
H13 ON6 G . 4.03 -6.24 10.28
H4 ON6 G . 4.81 -4.25 11.33
H3 ON6 G . 4.26 -2.78 13.23
H12 ON6 G . 2.90 -1.90 14.79
H6 ON6 G . -0.27 0.71 16.72
H1 ON6 G . -2.00 0.56 18.22
H2 ON6 G . -3.52 -3.17 15.35
H14 ON6 G . -5.17 -1.88 16.66
H10 ON6 G . -5.67 0.80 16.37
H11 ON6 G . -6.36 1.79 17.66
H9 ON6 G . -9.74 -1.36 19.41
H7 ON6 G . -10.49 -2.01 17.14
H8 ON6 G . -9.20 -1.37 15.19
#